data_1PWY
#
_entry.id   1PWY
#
_cell.length_a   139.060
_cell.length_b   139.060
_cell.length_c   160.570
_cell.angle_alpha   90.00
_cell.angle_beta   90.00
_cell.angle_gamma   120.00
#
_symmetry.space_group_name_H-M   'H 3 2'
#
loop_
_entity.id
_entity.type
_entity.pdbx_description
1 polymer 'Purine nucleoside phosphorylase'
2 non-polymer 'SULFATE ION'
3 non-polymer 9-HYROXYETHOXYMETHYLGUANINE
4 water water
#
_entity_poly.entity_id   1
_entity_poly.type   'polypeptide(L)'
_entity_poly.pdbx_seq_one_letter_code
;ENGYTYEDYKNTAEWLLSHTKHRPQVAIICGSGLGGLTDKLTQAQIFDYSEIPNFPRSTVPGHAGRLVFGFLNGRACVMM
QGRFHMYEGYPLWKVTFPVRVFHLLGVDTLVVTNAAGGLNPKFEVGDIMLIRDHINLPGFSGQNPLRGPNDERFGDRFPA
MSDAYDRTMRQRALSTWKQMGEQRELQEGTYVMVAGPSFETVAECRVLQKLGADAVGMSTVPEVIVARHCGLRVFGFSLI
TNKVIMDYESLEKANHEEVLAAGKQAAQKLEQFVSILMASIPLPDKAS
;
_entity_poly.pdbx_strand_id   E
#
loop_
_chem_comp.id
_chem_comp.type
_chem_comp.name
_chem_comp.formula
AC2 non-polymer 9-HYROXYETHOXYMETHYLGUANINE 'C8 H11 N5 O3'
SO4 non-polymer 'SULFATE ION' 'O4 S -2'
#
# COMPACT_ATOMS: atom_id res chain seq x y z
N GLU A 1 -16.36 -0.23 0.01
CA GLU A 1 -17.71 -0.06 0.62
C GLU A 1 -18.78 -1.10 0.17
N ASN A 2 -19.39 -0.87 -1.00
CA ASN A 2 -20.42 -1.74 -1.55
C ASN A 2 -20.06 -3.23 -1.49
N GLY A 3 -21.01 -4.08 -1.85
CA GLY A 3 -20.79 -5.52 -1.85
C GLY A 3 -20.90 -6.19 -0.51
N TYR A 4 -20.15 -5.70 0.47
CA TYR A 4 -20.20 -6.29 1.80
C TYR A 4 -21.12 -5.46 2.64
N THR A 5 -21.49 -6.00 3.79
CA THR A 5 -22.34 -5.31 4.73
C THR A 5 -21.44 -5.13 5.95
N TYR A 6 -21.77 -4.22 6.86
CA TYR A 6 -20.92 -4.02 8.03
C TYR A 6 -20.68 -5.33 8.77
N GLU A 7 -21.69 -6.15 8.91
CA GLU A 7 -21.48 -7.41 9.59
C GLU A 7 -20.55 -8.34 8.84
N ASP A 8 -20.33 -8.08 7.56
CA ASP A 8 -19.40 -8.92 6.79
C ASP A 8 -18.02 -8.62 7.34
N TYR A 9 -17.74 -7.32 7.50
CA TYR A 9 -16.47 -6.87 8.04
C TYR A 9 -16.38 -7.31 9.50
N LYS A 10 -17.43 -7.03 10.27
CA LYS A 10 -17.49 -7.41 11.68
C LYS A 10 -17.06 -8.88 11.74
N ASN A 11 -17.89 -9.74 11.17
CA ASN A 11 -17.64 -11.17 11.09
C ASN A 11 -16.25 -11.56 10.71
N THR A 12 -15.72 -11.03 9.62
CA THR A 12 -14.35 -11.38 9.23
C THR A 12 -13.30 -10.95 10.26
N ALA A 13 -13.45 -9.74 10.78
CA ALA A 13 -12.51 -9.19 11.75
C ALA A 13 -12.49 -10.08 12.98
N GLU A 14 -13.68 -10.27 13.55
CA GLU A 14 -13.88 -11.09 14.73
C GLU A 14 -13.31 -12.49 14.56
N TRP A 15 -13.56 -13.11 13.41
CA TRP A 15 -13.06 -14.46 13.14
C TRP A 15 -11.56 -14.40 13.17
N LEU A 16 -11.00 -13.38 12.55
CA LEU A 16 -9.57 -13.24 12.54
C LEU A 16 -9.07 -13.15 13.99
N LEU A 17 -9.75 -12.35 14.81
CA LEU A 17 -9.38 -12.21 16.22
C LEU A 17 -9.44 -13.57 16.89
N SER A 18 -10.62 -14.20 16.84
CA SER A 18 -10.80 -15.50 17.45
C SER A 18 -9.99 -16.59 16.76
N HIS A 19 -8.97 -16.20 15.99
CA HIS A 19 -8.12 -17.15 15.30
C HIS A 19 -6.68 -16.79 15.35
N THR A 20 -6.36 -15.64 15.92
CA THR A 20 -4.99 -15.20 16.03
C THR A 20 -4.86 -14.63 17.43
N LYS A 21 -3.84 -15.06 18.17
CA LYS A 21 -3.62 -14.56 19.52
C LYS A 21 -3.26 -13.08 19.44
N HIS A 22 -2.71 -12.71 18.29
CA HIS A 22 -2.27 -11.35 18.03
C HIS A 22 -3.43 -10.38 17.85
N ARG A 23 -3.18 -9.13 18.21
CA ARG A 23 -4.13 -8.02 18.06
C ARG A 23 -3.19 -7.02 17.42
N PRO A 24 -3.31 -6.82 16.09
CA PRO A 24 -2.40 -5.87 15.46
C PRO A 24 -2.80 -4.44 15.65
N GLN A 25 -1.82 -3.56 15.46
CA GLN A 25 -2.01 -2.14 15.56
C GLN A 25 -1.56 -1.55 14.22
N VAL A 26 -0.66 -2.24 13.55
CA VAL A 26 -0.18 -1.77 12.27
C VAL A 26 -0.49 -2.79 11.19
N ALA A 27 -1.10 -2.33 10.10
CA ALA A 27 -1.45 -3.16 8.95
C ALA A 27 -0.53 -2.75 7.84
N ILE A 28 0.18 -3.71 7.23
CA ILE A 28 1.13 -3.38 6.15
C ILE A 28 0.75 -4.10 4.86
N ILE A 29 0.61 -3.35 3.77
CA ILE A 29 0.28 -4.01 2.54
C ILE A 29 1.52 -3.98 1.69
N CYS A 30 2.07 -5.16 1.43
CA CYS A 30 3.30 -5.28 0.66
C CYS A 30 3.06 -5.24 -0.83
N GLY A 31 3.84 -4.42 -1.52
CA GLY A 31 3.73 -4.32 -2.95
C GLY A 31 4.36 -5.54 -3.56
N SER A 32 4.54 -5.51 -4.87
CA SER A 32 5.10 -6.63 -5.61
C SER A 32 6.56 -6.76 -5.36
N GLY A 33 6.96 -7.89 -4.81
CA GLY A 33 8.36 -8.09 -4.53
C GLY A 33 8.77 -7.50 -3.21
N LEU A 34 7.81 -7.15 -2.39
CA LEU A 34 8.10 -6.58 -1.09
C LEU A 34 7.41 -7.47 -0.08
N GLY A 35 6.88 -8.59 -0.54
CA GLY A 35 6.21 -9.51 0.37
C GLY A 35 7.19 -10.06 1.38
N GLY A 36 8.49 -9.98 1.02
CA GLY A 36 9.57 -10.46 1.87
C GLY A 36 9.47 -10.01 3.32
N LEU A 37 8.93 -8.81 3.53
CA LEU A 37 8.74 -8.30 4.88
C LEU A 37 8.09 -9.36 5.76
N THR A 38 7.36 -10.29 5.17
CA THR A 38 6.70 -11.30 5.97
C THR A 38 7.74 -12.13 6.75
N ASP A 39 8.98 -12.12 6.26
CA ASP A 39 10.08 -12.85 6.90
C ASP A 39 10.62 -12.13 8.14
N LYS A 40 10.37 -10.82 8.22
CA LYS A 40 10.82 -10.02 9.34
C LYS A 40 9.89 -10.08 10.55
N LEU A 41 8.90 -10.95 10.50
CA LEU A 41 7.95 -11.04 11.61
C LEU A 41 8.29 -12.17 12.55
N THR A 42 7.95 -11.99 13.82
CA THR A 42 8.17 -13.01 14.84
C THR A 42 6.82 -13.44 15.33
N GLN A 43 6.72 -14.69 15.73
CA GLN A 43 5.47 -15.26 16.18
C GLN A 43 4.46 -15.18 15.05
N ALA A 44 4.96 -15.14 13.82
CA ALA A 44 4.13 -15.04 12.63
C ALA A 44 3.07 -16.12 12.64
N GLN A 45 1.88 -15.72 12.21
CA GLN A 45 0.77 -16.61 12.14
C GLN A 45 0.22 -16.26 10.75
N ILE A 46 0.31 -17.20 9.81
CA ILE A 46 -0.13 -16.99 8.44
C ILE A 46 -1.57 -17.42 8.16
N PHE A 47 -2.29 -16.64 7.36
CA PHE A 47 -3.67 -16.97 7.01
C PHE A 47 -3.80 -16.80 5.52
N ASP A 48 -4.24 -17.83 4.81
CA ASP A 48 -4.43 -17.70 3.38
C ASP A 48 -5.74 -16.93 3.24
N TYR A 49 -5.78 -15.91 2.38
CA TYR A 49 -6.99 -15.11 2.15
C TYR A 49 -8.14 -16.09 2.08
N SER A 50 -7.87 -17.12 1.32
CA SER A 50 -8.74 -18.24 1.10
C SER A 50 -9.52 -18.67 2.36
N GLU A 51 -8.81 -19.00 3.44
CA GLU A 51 -9.46 -19.46 4.66
C GLU A 51 -10.16 -18.44 5.53
N ILE A 52 -10.01 -17.16 5.20
CA ILE A 52 -10.62 -16.09 5.98
C ILE A 52 -12.03 -15.81 5.47
N PRO A 53 -13.03 -15.85 6.36
CA PRO A 53 -14.43 -15.61 6.02
C PRO A 53 -14.93 -14.77 4.86
N ASN A 54 -14.55 -13.52 4.68
CA ASN A 54 -15.12 -12.85 3.51
C ASN A 54 -14.07 -12.32 2.54
N PHE A 55 -12.81 -12.48 2.95
CA PHE A 55 -11.65 -12.02 2.20
C PHE A 55 -11.60 -12.47 0.76
N PRO A 56 -11.46 -11.52 -0.17
CA PRO A 56 -11.39 -11.91 -1.58
C PRO A 56 -10.22 -12.87 -1.72
N ARG A 57 -10.41 -13.98 -2.44
CA ARG A 57 -9.34 -14.93 -2.70
C ARG A 57 -8.60 -14.28 -3.88
N SER A 58 -7.50 -14.84 -4.32
CA SER A 58 -6.79 -14.19 -5.43
C SER A 58 -6.95 -14.82 -6.82
N THR A 59 -6.38 -14.17 -7.84
CA THR A 59 -6.42 -14.70 -9.21
C THR A 59 -5.05 -15.42 -9.40
N VAL A 60 -4.40 -15.31 -10.56
CA VAL A 60 -3.11 -16.01 -10.73
C VAL A 60 -2.12 -15.73 -9.59
N PRO A 61 -1.97 -14.44 -9.18
CA PRO A 61 -1.02 -14.14 -8.09
C PRO A 61 -1.36 -14.91 -6.81
N GLY A 62 -2.58 -15.47 -6.76
CA GLY A 62 -3.04 -16.24 -5.62
C GLY A 62 -1.97 -17.12 -5.03
N HIS A 63 -1.13 -17.63 -5.93
CA HIS A 63 0.01 -18.47 -5.58
C HIS A 63 1.11 -17.57 -4.97
N ALA A 64 0.63 -16.61 -4.16
CA ALA A 64 1.39 -15.59 -3.44
C ALA A 64 0.24 -14.74 -2.91
N GLY A 65 -0.53 -15.31 -1.98
CA GLY A 65 -1.64 -14.56 -1.42
C GLY A 65 -2.02 -14.93 0.00
N ARG A 66 -1.37 -14.31 0.98
CA ARG A 66 -1.70 -14.60 2.37
C ARG A 66 -1.58 -13.37 3.26
N LEU A 67 -2.22 -13.44 4.42
CA LEU A 67 -2.22 -12.39 5.40
C LEU A 67 -1.48 -13.00 6.60
N VAL A 68 -0.37 -12.38 7.00
CA VAL A 68 0.44 -12.88 8.11
C VAL A 68 0.50 -11.93 9.32
N PHE A 69 -0.04 -12.36 10.47
CA PHE A 69 0.00 -11.56 11.69
C PHE A 69 1.28 -11.93 12.36
N GLY A 70 2.17 -10.96 12.56
CA GLY A 70 3.42 -11.26 13.20
C GLY A 70 3.71 -10.24 14.27
N PHE A 71 4.91 -9.69 14.19
CA PHE A 71 5.41 -8.67 15.09
C PHE A 71 6.56 -8.08 14.34
N LEU A 72 6.45 -6.82 13.99
CA LEU A 72 7.52 -6.20 13.27
C LEU A 72 8.09 -5.07 14.11
N ASN A 73 9.39 -5.19 14.34
CA ASN A 73 10.17 -4.19 15.05
C ASN A 73 9.50 -3.50 16.21
N GLY A 74 8.95 -4.28 17.11
CA GLY A 74 8.31 -3.70 18.26
C GLY A 74 6.94 -3.13 17.94
N ARG A 75 6.17 -3.88 17.15
CA ARG A 75 4.81 -3.46 16.81
C ARG A 75 4.00 -4.67 16.34
N ALA A 76 2.75 -4.73 16.79
CA ALA A 76 1.86 -5.82 16.41
C ALA A 76 1.38 -5.52 14.99
N CYS A 77 1.92 -6.27 14.03
CA CYS A 77 1.56 -6.11 12.64
C CYS A 77 0.57 -7.14 12.17
N VAL A 78 0.22 -6.99 10.88
CA VAL A 78 -0.67 -7.86 10.09
C VAL A 78 -0.32 -7.42 8.71
N MET A 79 0.58 -8.20 8.14
CA MET A 79 1.07 -7.92 6.82
C MET A 79 0.15 -8.62 5.83
N MET A 80 0.01 -8.03 4.66
CA MET A 80 -0.80 -8.59 3.60
C MET A 80 0.17 -8.76 2.47
N GLN A 81 0.46 -10.02 2.13
CA GLN A 81 1.41 -10.31 1.07
C GLN A 81 0.69 -10.58 -0.20
N GLY A 82 0.78 -9.62 -1.10
CA GLY A 82 0.10 -9.72 -2.38
C GLY A 82 -1.25 -9.07 -2.27
N ARG A 83 -1.30 -7.80 -2.62
CA ARG A 83 -2.53 -7.04 -2.57
C ARG A 83 -3.41 -7.33 -3.76
N PHE A 84 -4.64 -6.81 -3.69
CA PHE A 84 -5.62 -6.99 -4.75
C PHE A 84 -5.54 -5.77 -5.66
N HIS A 85 -5.65 -5.96 -6.97
CA HIS A 85 -5.59 -4.85 -7.90
C HIS A 85 -6.85 -4.81 -8.72
N MET A 86 -7.21 -3.61 -9.15
CA MET A 86 -8.40 -3.40 -9.93
C MET A 86 -8.32 -4.21 -11.20
N TYR A 87 -7.18 -4.12 -11.90
CA TYR A 87 -6.98 -4.85 -13.16
C TYR A 87 -7.15 -6.37 -13.07
N GLU A 88 -7.41 -6.90 -11.87
CA GLU A 88 -7.62 -8.32 -11.70
C GLU A 88 -9.13 -8.55 -11.63
N GLY A 89 -9.92 -7.50 -11.88
CA GLY A 89 -11.37 -7.66 -11.82
C GLY A 89 -12.02 -7.43 -10.46
N TYR A 90 -11.22 -7.23 -9.44
CA TYR A 90 -11.78 -7.00 -8.12
C TYR A 90 -12.42 -5.65 -8.08
N PRO A 91 -13.70 -5.60 -7.75
CA PRO A 91 -14.26 -4.25 -7.70
C PRO A 91 -13.54 -3.63 -6.53
N LEU A 92 -13.29 -2.32 -6.57
CA LEU A 92 -12.59 -1.64 -5.50
C LEU A 92 -13.14 -1.91 -4.12
N TRP A 93 -14.42 -2.20 -4.01
CA TRP A 93 -14.90 -2.45 -2.68
C TRP A 93 -14.46 -3.83 -2.17
N LYS A 94 -13.65 -4.55 -2.96
CA LYS A 94 -13.13 -5.88 -2.63
C LYS A 94 -11.63 -5.74 -2.49
N VAL A 95 -11.04 -4.95 -3.38
CA VAL A 95 -9.62 -4.67 -3.32
C VAL A 95 -9.34 -4.17 -1.91
N THR A 96 -10.13 -3.20 -1.46
CA THR A 96 -9.95 -2.60 -0.16
C THR A 96 -10.66 -3.24 1.03
N PHE A 97 -11.29 -4.39 0.83
CA PHE A 97 -11.97 -5.07 1.94
C PHE A 97 -11.04 -5.15 3.15
N PRO A 98 -9.86 -5.74 2.96
CA PRO A 98 -8.93 -5.87 4.06
C PRO A 98 -8.68 -4.60 4.87
N VAL A 99 -8.56 -3.43 4.24
CA VAL A 99 -8.29 -2.24 5.02
C VAL A 99 -9.42 -1.98 5.99
N ARG A 100 -10.62 -2.29 5.58
CA ARG A 100 -11.75 -2.07 6.46
C ARG A 100 -11.75 -3.12 7.56
N VAL A 101 -11.28 -4.33 7.23
CA VAL A 101 -11.21 -5.44 8.18
C VAL A 101 -10.19 -5.11 9.27
N PHE A 102 -9.00 -4.65 8.86
CA PHE A 102 -7.93 -4.27 9.76
C PHE A 102 -8.42 -3.28 10.82
N HIS A 103 -9.07 -2.22 10.39
CA HIS A 103 -9.57 -1.21 11.28
C HIS A 103 -10.36 -1.91 12.35
N LEU A 104 -11.22 -2.85 11.95
CA LEU A 104 -12.02 -3.57 12.92
C LEU A 104 -11.15 -4.47 13.78
N LEU A 105 -9.98 -4.81 13.28
CA LEU A 105 -9.07 -5.69 14.02
C LEU A 105 -8.43 -4.87 15.12
N GLY A 106 -8.46 -3.56 14.95
CA GLY A 106 -7.86 -2.66 15.92
C GLY A 106 -6.68 -1.91 15.34
N VAL A 107 -6.31 -2.25 14.10
CA VAL A 107 -5.20 -1.59 13.41
C VAL A 107 -5.46 -0.09 13.34
N ASP A 108 -4.46 0.69 13.75
CA ASP A 108 -4.58 2.14 13.72
C ASP A 108 -3.72 2.76 12.63
N THR A 109 -2.78 2.00 12.10
CA THR A 109 -1.90 2.53 11.08
C THR A 109 -1.83 1.57 9.91
N LEU A 110 -1.66 2.09 8.71
CA LEU A 110 -1.55 1.24 7.56
C LEU A 110 -0.40 1.74 6.77
N VAL A 111 0.65 0.95 6.64
CA VAL A 111 1.77 1.39 5.82
C VAL A 111 1.56 0.63 4.52
N VAL A 112 1.47 1.35 3.41
CA VAL A 112 1.23 0.76 2.09
C VAL A 112 2.44 0.83 1.18
N THR A 113 2.96 -0.31 0.75
CA THR A 113 4.09 -0.30 -0.15
C THR A 113 3.54 -0.61 -1.54
N ASN A 114 4.37 -0.49 -2.57
CA ASN A 114 3.99 -0.77 -3.95
C ASN A 114 5.15 -0.57 -4.91
N ALA A 115 5.22 -1.35 -5.97
CA ALA A 115 6.29 -1.16 -6.95
C ALA A 115 5.65 -0.22 -7.97
N ALA A 116 6.42 0.69 -8.56
CA ALA A 116 5.85 1.64 -9.52
C ALA A 116 6.84 2.10 -10.57
N GLY A 117 6.33 2.75 -11.59
CA GLY A 117 7.17 3.26 -12.66
C GLY A 117 7.69 4.61 -12.27
N GLY A 118 8.69 5.09 -13.00
CA GLY A 118 9.27 6.37 -12.67
C GLY A 118 9.02 7.42 -13.71
N LEU A 119 8.23 8.41 -13.32
CA LEU A 119 7.90 9.50 -14.20
C LEU A 119 8.92 10.59 -13.92
N ASN A 120 9.27 10.80 -12.65
CA ASN A 120 10.26 11.83 -12.32
C ASN A 120 11.65 11.34 -12.69
N PRO A 121 12.39 12.13 -13.47
CA PRO A 121 13.75 11.84 -13.95
C PRO A 121 14.75 11.63 -12.83
N LYS A 122 14.61 12.42 -11.78
CA LYS A 122 15.51 12.33 -10.64
C LYS A 122 15.42 10.96 -9.97
N PHE A 123 14.38 10.19 -10.32
CA PHE A 123 14.23 8.87 -9.73
C PHE A 123 15.17 7.96 -10.50
N GLU A 124 15.77 6.99 -9.82
CA GLU A 124 16.67 6.05 -10.47
C GLU A 124 16.02 4.73 -10.19
N VAL A 125 15.90 3.86 -11.20
CA VAL A 125 15.29 2.56 -10.96
C VAL A 125 15.95 2.00 -9.73
N GLY A 126 15.16 1.65 -8.73
CA GLY A 126 15.69 1.12 -7.49
C GLY A 126 15.32 2.04 -6.35
N ASP A 127 15.18 3.33 -6.66
CA ASP A 127 14.83 4.32 -5.65
C ASP A 127 13.60 3.98 -4.84
N ILE A 128 13.39 4.70 -3.75
CA ILE A 128 12.24 4.46 -2.90
C ILE A 128 11.60 5.81 -2.66
N MET A 129 10.39 5.97 -3.18
CA MET A 129 9.66 7.20 -3.06
C MET A 129 8.68 7.22 -1.93
N LEU A 130 8.87 8.15 -1.02
CA LEU A 130 7.98 8.31 0.11
C LEU A 130 6.74 8.88 -0.58
N ILE A 131 5.55 8.37 -0.26
CA ILE A 131 4.36 8.91 -0.90
C ILE A 131 3.91 10.10 -0.07
N ARG A 132 3.99 11.27 -0.67
CA ARG A 132 3.57 12.49 -0.03
C ARG A 132 2.13 12.80 -0.42
N ASP A 133 1.73 12.37 -1.62
CA ASP A 133 0.37 12.62 -2.13
C ASP A 133 0.04 11.63 -3.22
N HIS A 134 -1.15 11.74 -3.77
CA HIS A 134 -1.58 10.85 -4.84
C HIS A 134 -2.60 11.51 -5.78
N ILE A 135 -2.63 11.06 -7.01
CA ILE A 135 -3.59 11.56 -7.99
C ILE A 135 -4.42 10.32 -8.28
N ASN A 136 -5.60 10.26 -7.71
CA ASN A 136 -6.45 9.08 -7.91
C ASN A 136 -7.12 9.19 -9.25
N LEU A 137 -6.48 8.69 -10.28
CA LEU A 137 -7.05 8.79 -11.60
C LEU A 137 -8.36 8.01 -11.78
N PRO A 138 -8.43 6.74 -11.37
CA PRO A 138 -9.72 6.11 -11.60
C PRO A 138 -10.86 6.63 -10.70
N GLY A 139 -10.52 7.43 -9.70
CA GLY A 139 -11.55 7.96 -8.82
C GLY A 139 -12.30 9.09 -9.47
N PHE A 140 -11.61 9.85 -10.30
CA PHE A 140 -12.21 10.97 -10.98
C PHE A 140 -13.36 10.45 -11.80
N SER A 141 -13.17 9.28 -12.38
CA SER A 141 -14.20 8.74 -13.22
C SER A 141 -15.22 7.88 -12.54
N GLY A 142 -15.14 7.77 -11.23
CA GLY A 142 -16.11 6.98 -10.50
C GLY A 142 -15.53 5.80 -9.75
N GLN A 143 -14.35 5.37 -10.19
CA GLN A 143 -13.71 4.25 -9.55
C GLN A 143 -13.07 4.62 -8.24
N ASN A 144 -13.94 4.79 -7.25
CA ASN A 144 -13.54 5.14 -5.90
C ASN A 144 -14.12 4.05 -4.98
N PRO A 145 -13.32 3.52 -4.01
CA PRO A 145 -13.74 2.47 -3.08
C PRO A 145 -14.86 2.85 -2.15
N LEU A 146 -15.16 4.14 -2.10
CA LEU A 146 -16.24 4.64 -1.25
C LEU A 146 -17.58 4.86 -1.95
N ARG A 147 -17.69 4.53 -3.24
CA ARG A 147 -18.93 4.70 -4.00
C ARG A 147 -20.00 3.88 -3.34
N GLY A 148 -21.23 4.35 -3.42
CA GLY A 148 -22.30 3.63 -2.79
C GLY A 148 -22.63 4.31 -1.48
N PRO A 149 -23.65 3.85 -0.78
CA PRO A 149 -24.01 4.47 0.49
C PRO A 149 -22.84 4.43 1.45
N ASN A 150 -22.66 5.50 2.21
CA ASN A 150 -21.58 5.60 3.18
C ASN A 150 -21.95 4.98 4.48
N ASP A 151 -21.00 4.25 5.07
CA ASP A 151 -21.20 3.58 6.35
C ASP A 151 -20.66 4.51 7.43
N GLU A 152 -21.54 5.29 8.05
CA GLU A 152 -21.13 6.24 9.06
C GLU A 152 -20.30 5.54 10.14
N ARG A 153 -20.58 4.26 10.36
CA ARG A 153 -19.85 3.46 11.35
C ARG A 153 -18.37 3.40 11.03
N PHE A 154 -18.04 3.53 9.75
CA PHE A 154 -16.67 3.52 9.33
C PHE A 154 -16.18 4.93 9.17
N GLY A 155 -17.01 5.81 8.60
CA GLY A 155 -16.55 7.17 8.41
C GLY A 155 -17.52 8.13 7.78
N ASP A 156 -16.97 9.26 7.31
CA ASP A 156 -17.75 10.32 6.68
C ASP A 156 -18.10 10.02 5.28
N ARG A 157 -19.09 10.73 4.77
CA ARG A 157 -19.57 10.61 3.40
C ARG A 157 -18.55 11.26 2.48
N PHE A 158 -17.97 12.37 2.90
CA PHE A 158 -17.03 13.11 2.06
C PHE A 158 -15.64 13.28 2.70
N PRO A 159 -14.94 12.18 2.93
CA PRO A 159 -13.63 12.26 3.54
C PRO A 159 -12.67 13.07 2.75
N ALA A 160 -11.77 13.72 3.46
CA ALA A 160 -10.75 14.51 2.84
C ALA A 160 -9.50 13.66 2.68
N MET A 161 -8.84 13.83 1.54
CA MET A 161 -7.65 13.08 1.24
C MET A 161 -6.50 14.02 1.14
N SER A 162 -6.81 15.31 1.22
CA SER A 162 -5.77 16.30 1.11
C SER A 162 -4.62 15.95 2.05
N ASP A 163 -4.98 15.31 3.16
CA ASP A 163 -4.02 14.93 4.21
C ASP A 163 -3.74 13.42 4.36
N ALA A 164 -4.12 12.63 3.36
CA ALA A 164 -3.96 11.18 3.42
C ALA A 164 -2.69 10.64 4.07
N TYR A 165 -1.60 10.85 3.38
CA TYR A 165 -0.30 10.37 3.80
C TYR A 165 0.23 11.23 4.92
N ASP A 166 0.25 10.64 6.12
CA ASP A 166 0.68 11.31 7.34
C ASP A 166 1.94 12.13 7.32
N ARG A 167 1.75 13.44 7.54
CA ARG A 167 2.81 14.44 7.61
C ARG A 167 3.82 14.01 8.67
N THR A 168 3.32 13.70 9.87
CA THR A 168 4.18 13.27 10.96
C THR A 168 5.10 12.15 10.48
N MET A 169 4.53 11.01 10.11
CA MET A 169 5.30 9.85 9.66
C MET A 169 6.17 10.11 8.44
N ARG A 170 5.78 11.08 7.61
CA ARG A 170 6.57 11.42 6.43
C ARG A 170 7.81 12.21 6.82
N GLN A 171 7.72 12.97 7.91
CA GLN A 171 8.86 13.75 8.38
C GLN A 171 9.72 12.87 9.28
N ARG A 172 9.04 12.08 10.11
CA ARG A 172 9.61 11.12 11.07
C ARG A 172 10.08 9.91 10.28
N ALA A 173 10.46 10.13 9.02
CA ALA A 173 10.90 9.07 8.10
C ALA A 173 11.93 9.63 7.14
N LEU A 174 11.72 10.87 6.72
CA LEU A 174 12.70 11.51 5.85
C LEU A 174 13.91 11.62 6.77
N SER A 175 13.61 11.84 8.05
CA SER A 175 14.62 11.92 9.08
C SER A 175 15.22 10.52 9.28
N THR A 176 14.40 9.54 9.67
CA THR A 176 14.86 8.15 9.89
C THR A 176 15.72 7.63 8.74
N TRP A 177 15.45 8.08 7.53
CA TRP A 177 16.23 7.64 6.38
C TRP A 177 17.63 8.20 6.61
N LYS A 178 17.69 9.43 7.09
CA LYS A 178 18.95 10.10 7.41
C LYS A 178 19.62 9.25 8.50
N GLN A 179 18.92 9.07 9.62
CA GLN A 179 19.40 8.27 10.75
C GLN A 179 20.39 7.17 10.36
N MET A 180 19.95 6.18 9.59
CA MET A 180 20.85 5.09 9.24
C MET A 180 21.80 5.42 8.10
N GLY A 181 22.06 6.69 7.88
CA GLY A 181 22.95 7.14 6.83
C GLY A 181 22.83 6.40 5.51
N GLU A 182 21.62 6.41 4.95
CA GLU A 182 21.32 5.72 3.69
C GLU A 182 21.89 6.30 2.37
N GLN A 183 22.91 7.14 2.47
CA GLN A 183 23.54 7.77 1.31
C GLN A 183 22.62 8.77 0.60
N ARG A 184 21.83 8.28 -0.33
CA ARG A 184 20.90 9.12 -1.10
C ARG A 184 19.57 9.30 -0.38
N GLU A 185 19.16 10.55 -0.22
CA GLU A 185 17.92 10.87 0.48
C GLU A 185 16.68 10.21 -0.07
N LEU A 186 15.84 9.77 0.85
CA LEU A 186 14.56 9.12 0.58
C LEU A 186 13.77 10.02 -0.31
N GLN A 187 13.67 9.68 -1.59
CA GLN A 187 12.91 10.47 -2.54
C GLN A 187 11.48 10.64 -2.02
N GLU A 188 10.80 11.71 -2.40
CA GLU A 188 9.42 11.92 -1.98
C GLU A 188 8.65 12.34 -3.21
N GLY A 189 7.43 11.88 -3.36
CA GLY A 189 6.70 12.26 -4.55
C GLY A 189 5.23 11.93 -4.56
N THR A 190 4.57 12.25 -5.69
CA THR A 190 3.15 12.00 -5.89
C THR A 190 3.01 10.75 -6.72
N TYR A 191 2.21 9.82 -6.25
CA TYR A 191 2.01 8.57 -6.96
C TYR A 191 0.71 8.69 -7.71
N VAL A 192 0.69 8.27 -8.96
CA VAL A 192 -0.53 8.33 -9.73
C VAL A 192 -1.04 6.93 -9.99
N MET A 193 -2.29 6.68 -9.61
CA MET A 193 -2.86 5.38 -9.88
C MET A 193 -3.33 5.40 -11.31
N VAL A 194 -3.25 4.24 -11.92
CA VAL A 194 -3.65 4.06 -13.26
C VAL A 194 -4.05 2.60 -13.15
N ALA A 195 -5.25 2.26 -13.59
CA ALA A 195 -5.70 0.87 -13.54
C ALA A 195 -5.29 0.18 -14.83
N GLY A 196 -5.94 -0.93 -15.13
CA GLY A 196 -5.66 -1.64 -16.37
C GLY A 196 -4.27 -2.20 -16.37
N PRO A 197 -4.12 -3.44 -16.80
CA PRO A 197 -2.90 -4.24 -16.89
C PRO A 197 -1.80 -3.49 -17.66
N SER A 198 -2.08 -3.19 -18.91
CA SER A 198 -1.17 -2.48 -19.78
C SER A 198 -0.26 -1.49 -19.10
N PHE A 199 0.89 -1.27 -19.70
CA PHE A 199 1.82 -0.27 -19.18
C PHE A 199 1.66 0.96 -20.07
N GLU A 200 1.78 2.13 -19.47
CA GLU A 200 1.58 3.38 -20.20
C GLU A 200 2.34 3.44 -21.50
N THR A 201 1.91 4.35 -22.37
CA THR A 201 2.59 4.54 -23.63
C THR A 201 3.32 5.84 -23.41
N VAL A 202 4.29 6.18 -24.26
CA VAL A 202 5.00 7.43 -24.06
C VAL A 202 4.03 8.63 -24.00
N ALA A 203 2.95 8.54 -24.77
CA ALA A 203 1.94 9.60 -24.78
C ALA A 203 1.29 9.68 -23.42
N GLU A 204 0.98 8.52 -22.85
CA GLU A 204 0.35 8.46 -21.55
C GLU A 204 1.37 8.86 -20.51
N CYS A 205 2.63 8.49 -20.72
CA CYS A 205 3.72 8.80 -19.79
C CYS A 205 3.80 10.29 -19.59
N ARG A 206 3.65 11.02 -20.70
CA ARG A 206 3.68 12.46 -20.65
C ARG A 206 2.45 13.11 -19.99
N VAL A 207 1.24 12.60 -20.23
CA VAL A 207 0.13 13.25 -19.54
C VAL A 207 0.26 12.94 -18.05
N LEU A 208 1.00 11.90 -17.68
CA LEU A 208 1.19 11.57 -16.26
C LEU A 208 2.17 12.51 -15.59
N GLN A 209 3.27 12.82 -16.29
CA GLN A 209 4.29 13.75 -15.76
C GLN A 209 3.65 15.15 -15.65
N LYS A 210 2.95 15.57 -16.71
CA LYS A 210 2.29 16.88 -16.73
C LYS A 210 1.29 17.07 -15.60
N LEU A 211 0.54 16.02 -15.28
CA LEU A 211 -0.47 16.06 -14.20
C LEU A 211 0.20 16.25 -12.86
N GLY A 212 1.51 16.00 -12.83
CA GLY A 212 2.29 16.16 -11.62
C GLY A 212 2.65 14.86 -10.91
N ALA A 213 2.40 13.71 -11.54
CA ALA A 213 2.73 12.44 -10.92
C ALA A 213 4.24 12.15 -10.95
N ASP A 214 4.78 11.76 -9.80
CA ASP A 214 6.19 11.44 -9.68
C ASP A 214 6.46 9.98 -9.96
N ALA A 215 5.44 9.14 -9.74
CA ALA A 215 5.54 7.70 -10.00
C ALA A 215 4.15 7.18 -10.38
N VAL A 216 4.08 6.13 -11.20
CA VAL A 216 2.79 5.55 -11.63
C VAL A 216 2.62 4.10 -11.19
N GLY A 217 1.40 3.75 -10.80
CA GLY A 217 1.14 2.41 -10.33
C GLY A 217 -0.32 2.03 -10.49
N MET A 218 -0.62 0.78 -10.17
CA MET A 218 -1.97 0.26 -10.30
C MET A 218 -2.54 -0.26 -8.99
N SER A 219 -2.40 0.53 -7.91
CA SER A 219 -2.92 0.15 -6.60
C SER A 219 -2.63 1.22 -5.55
N THR A 220 -2.71 0.83 -4.27
CA THR A 220 -2.42 1.71 -3.13
C THR A 220 -3.53 2.72 -2.94
N VAL A 221 -3.69 3.64 -3.89
CA VAL A 221 -4.74 4.65 -3.77
C VAL A 221 -6.08 4.12 -3.21
N PRO A 222 -6.64 3.05 -3.79
CA PRO A 222 -7.90 2.63 -3.19
C PRO A 222 -7.77 2.30 -1.66
N GLU A 223 -6.70 1.59 -1.27
CA GLU A 223 -6.51 1.21 0.14
C GLU A 223 -6.22 2.42 1.01
N VAL A 224 -5.56 3.44 0.45
CA VAL A 224 -5.30 4.64 1.21
C VAL A 224 -6.65 5.31 1.52
N ILE A 225 -7.45 5.56 0.49
CA ILE A 225 -8.78 6.19 0.61
C ILE A 225 -9.64 5.64 1.75
N VAL A 226 -9.88 4.33 1.78
CA VAL A 226 -10.71 3.75 2.84
C VAL A 226 -10.02 3.68 4.19
N ALA A 227 -8.69 3.66 4.18
CA ALA A 227 -7.90 3.65 5.39
C ALA A 227 -8.15 5.01 6.04
N ARG A 228 -8.11 6.03 5.19
CA ARG A 228 -8.35 7.39 5.62
C ARG A 228 -9.76 7.51 6.11
N HIS A 229 -10.70 7.06 5.29
CA HIS A 229 -12.11 7.09 5.65
C HIS A 229 -12.33 6.55 7.05
N CYS A 230 -11.50 5.58 7.46
CA CYS A 230 -11.55 4.92 8.76
C CYS A 230 -10.83 5.68 9.87
N GLY A 231 -9.83 6.44 9.49
CA GLY A 231 -9.07 7.17 10.46
C GLY A 231 -7.65 6.79 10.11
N LEU A 232 -7.38 5.49 10.25
CA LEU A 232 -6.09 4.93 9.96
C LEU A 232 -4.97 5.85 9.53
N ARG A 233 -4.00 6.06 10.40
CA ARG A 233 -2.83 6.86 10.08
C ARG A 233 -2.26 6.17 8.81
N VAL A 234 -2.02 6.91 7.75
CA VAL A 234 -1.52 6.27 6.55
C VAL A 234 -0.27 6.88 6.01
N PHE A 235 0.70 6.04 5.73
CA PHE A 235 1.97 6.44 5.13
C PHE A 235 2.44 5.21 4.36
N GLY A 236 3.22 5.41 3.31
CA GLY A 236 3.68 4.28 2.54
C GLY A 236 4.71 4.76 1.56
N PHE A 237 5.44 3.83 0.96
CA PHE A 237 6.48 4.17 0.01
C PHE A 237 6.15 3.63 -1.36
N SER A 238 7.04 3.85 -2.32
CA SER A 238 6.84 3.36 -3.66
C SER A 238 8.22 3.04 -4.18
N LEU A 239 8.51 1.75 -4.37
CA LEU A 239 9.79 1.27 -4.86
C LEU A 239 9.86 1.39 -6.39
N ILE A 240 10.49 2.44 -6.91
CA ILE A 240 10.61 2.66 -8.36
C ILE A 240 11.28 1.47 -8.98
N THR A 241 10.52 0.63 -9.66
CA THR A 241 11.08 -0.58 -10.24
C THR A 241 11.57 -0.43 -11.66
N ASN A 242 11.15 0.63 -12.33
CA ASN A 242 11.59 0.91 -13.68
C ASN A 242 11.17 2.29 -14.07
N LYS A 243 12.00 2.96 -14.86
CA LYS A 243 11.68 4.31 -15.30
C LYS A 243 10.81 4.22 -16.54
N VAL A 244 9.74 5.00 -16.56
CA VAL A 244 8.82 4.98 -17.68
C VAL A 244 9.44 5.80 -18.79
N ILE A 245 9.30 5.31 -20.02
CA ILE A 245 9.87 5.97 -21.21
C ILE A 245 9.04 7.21 -21.57
N MET A 246 9.54 8.38 -21.17
CA MET A 246 8.89 9.65 -21.41
C MET A 246 9.02 10.20 -22.83
N ASP A 247 9.78 9.52 -23.67
CA ASP A 247 9.99 9.99 -25.05
C ASP A 247 10.14 8.84 -26.01
N TYR A 248 10.12 9.16 -27.30
CA TYR A 248 10.21 8.14 -28.33
C TYR A 248 11.54 7.41 -28.57
N GLU A 249 12.50 7.61 -27.69
CA GLU A 249 13.78 6.91 -27.79
C GLU A 249 13.53 5.71 -26.89
N SER A 250 12.84 4.72 -27.44
CA SER A 250 12.49 3.51 -26.72
C SER A 250 13.59 2.46 -26.83
N LEU A 251 13.22 1.18 -26.99
CA LEU A 251 14.20 0.07 -27.04
C LEU A 251 14.90 0.03 -25.67
N GLU A 252 14.37 0.85 -24.77
CA GLU A 252 14.81 1.04 -23.39
C GLU A 252 13.58 0.51 -22.64
N LYS A 253 13.77 -0.29 -21.59
CA LYS A 253 12.58 -0.84 -20.91
C LYS A 253 12.18 -0.49 -19.49
N ALA A 254 11.01 -1.02 -19.13
CA ALA A 254 10.38 -0.86 -17.82
C ALA A 254 9.45 -2.06 -17.58
N ASN A 255 9.98 -3.26 -17.86
CA ASN A 255 9.21 -4.49 -17.73
C ASN A 255 8.93 -4.83 -16.28
N HIS A 256 7.75 -5.41 -16.02
CA HIS A 256 7.42 -5.84 -14.65
C HIS A 256 8.14 -7.17 -14.50
N GLU A 257 8.30 -7.88 -15.63
CA GLU A 257 9.02 -9.16 -15.64
C GLU A 257 10.39 -8.72 -15.13
N GLU A 258 10.73 -7.49 -15.54
CA GLU A 258 11.94 -6.77 -15.14
C GLU A 258 11.56 -6.00 -13.83
N VAL A 259 11.05 -6.79 -12.88
CA VAL A 259 10.66 -6.34 -11.56
C VAL A 259 11.91 -6.54 -10.68
N LEU A 260 12.99 -7.07 -11.29
CA LEU A 260 14.28 -7.35 -10.60
C LEU A 260 14.74 -6.28 -9.64
N ALA A 261 14.19 -5.07 -9.76
CA ALA A 261 14.49 -4.01 -8.81
C ALA A 261 13.94 -4.69 -7.56
N ALA A 262 12.62 -4.90 -7.61
CA ALA A 262 11.89 -5.57 -6.55
C ALA A 262 12.37 -7.03 -6.55
N GLY A 263 13.12 -7.39 -7.60
CA GLY A 263 13.68 -8.73 -7.68
C GLY A 263 15.15 -8.66 -7.27
N LYS A 264 15.50 -7.60 -6.53
CA LYS A 264 16.85 -7.36 -6.06
C LYS A 264 16.90 -7.27 -4.53
N GLN A 265 17.64 -6.26 -4.07
CA GLN A 265 17.82 -5.93 -2.67
C GLN A 265 17.16 -4.57 -2.50
N ALA A 266 16.64 -4.03 -3.59
CA ALA A 266 15.96 -2.74 -3.58
C ALA A 266 14.78 -3.00 -2.67
N ALA A 267 14.05 -4.07 -2.98
CA ALA A 267 12.92 -4.46 -2.19
C ALA A 267 13.41 -4.67 -0.77
N GLN A 268 14.62 -5.19 -0.62
CA GLN A 268 15.18 -5.43 0.71
C GLN A 268 15.49 -4.14 1.48
N LYS A 269 15.93 -3.12 0.76
CA LYS A 269 16.23 -1.85 1.38
C LYS A 269 14.95 -1.26 1.93
N LEU A 270 13.88 -1.27 1.12
CA LEU A 270 12.59 -0.74 1.57
C LEU A 270 11.98 -1.56 2.70
N GLU A 271 12.23 -2.85 2.70
CA GLU A 271 11.71 -3.71 3.73
C GLU A 271 12.31 -3.40 5.10
N GLN A 272 13.64 -3.41 5.18
CA GLN A 272 14.31 -3.12 6.44
C GLN A 272 13.88 -1.72 6.87
N PHE A 273 13.93 -0.78 5.94
CA PHE A 273 13.55 0.59 6.17
C PHE A 273 12.15 0.67 6.76
N VAL A 274 11.23 -0.18 6.30
CA VAL A 274 9.87 -0.20 6.85
C VAL A 274 9.87 -0.79 8.26
N SER A 275 10.74 -1.80 8.50
CA SER A 275 10.84 -2.43 9.81
C SER A 275 11.30 -1.40 10.84
N ILE A 276 12.39 -0.70 10.53
CA ILE A 276 12.94 0.33 11.42
C ILE A 276 11.86 1.34 11.77
N LEU A 277 11.15 1.77 10.72
CA LEU A 277 10.07 2.74 10.88
C LEU A 277 8.97 2.29 11.82
N MET A 278 8.95 1.00 12.18
CA MET A 278 7.92 0.50 13.10
C MET A 278 8.09 1.25 14.40
N ALA A 279 9.33 1.66 14.67
CA ALA A 279 9.68 2.43 15.86
C ALA A 279 9.07 3.83 15.82
N SER A 280 8.99 4.44 14.64
CA SER A 280 8.39 5.78 14.46
C SER A 280 6.87 5.77 14.52
N ILE A 281 6.25 4.62 14.34
CA ILE A 281 4.80 4.59 14.38
C ILE A 281 4.31 4.76 15.82
N PRO A 282 3.49 5.77 16.05
CA PRO A 282 2.92 6.08 17.36
C PRO A 282 2.22 4.86 17.93
N LEU A 283 2.25 4.70 19.24
CA LEU A 283 1.58 3.59 19.91
C LEU A 283 0.22 4.04 20.36
N PRO A 284 -0.69 3.10 20.57
CA PRO A 284 -2.02 3.51 21.02
C PRO A 284 -1.96 3.75 22.55
N ASP A 285 -0.84 3.32 23.16
CA ASP A 285 -0.60 3.50 24.61
C ASP A 285 -0.43 4.98 24.92
N LYS A 286 0.62 5.56 24.31
CA LYS A 286 1.07 6.96 24.44
C LYS A 286 2.24 6.99 25.43
N ALA A 287 1.91 7.14 26.71
CA ALA A 287 2.87 7.19 27.84
C ALA A 287 3.85 8.37 27.87
N SER A 288 3.33 9.57 27.62
CA SER A 288 4.15 10.78 27.60
C SER A 288 5.28 10.66 26.60
S SO4 B . 5.94 -10.94 -3.45
O1 SO4 B . 6.16 -11.24 -4.85
O2 SO4 B . 5.08 -9.70 -3.34
O3 SO4 B . 5.27 -12.08 -2.66
O4 SO4 B . 7.30 -10.74 -2.77
S SO4 C . -16.45 -3.18 -11.20
O1 SO4 C . -17.07 -3.57 -12.46
O2 SO4 C . -17.44 -3.34 -10.07
O3 SO4 C . -15.18 -4.00 -10.88
O4 SO4 C . -15.96 -1.76 -11.33
S SO4 D . 1.83 -3.31 -6.48
O1 SO4 D . 1.35 -1.97 -6.67
O2 SO4 D . 1.93 -3.99 -7.82
O3 SO4 D . 3.21 -3.36 -5.84
O4 SO4 D . 0.91 -4.05 -5.51
C3' AC2 E . 4.81 -4.08 -11.26
O3' AC2 E . 6.12 -3.77 -11.82
C2' AC2 E . 3.70 -3.42 -12.09
O1' AC2 E . 3.04 -2.35 -11.32
C1' AC2 E . 3.99 -1.43 -10.77
N9 AC2 E . 4.86 -0.90 -11.81
C8 AC2 E . 6.21 -1.10 -11.99
N7 AC2 E . 6.70 -0.50 -13.05
C5 AC2 E . 5.59 0.14 -13.60
C6 AC2 E . 5.47 0.95 -14.76
O6 AC2 E . 6.35 1.28 -15.56
N1 AC2 E . 4.15 1.39 -14.95
C2 AC2 E . 3.10 1.09 -14.13
N2 AC2 E . 1.93 1.60 -14.47
N3 AC2 E . 3.20 0.33 -13.05
C4 AC2 E . 4.45 -0.09 -12.85
#